data_5U6W
#
_entry.id   5U6W
#
_cell.length_a   44.365
_cell.length_b   51.152
_cell.length_c   78.920
_cell.angle_alpha   90.000
_cell.angle_beta   91.980
_cell.angle_gamma   90.000
#
_symmetry.space_group_name_H-M   'P 1 21 1'
#
loop_
_entity.id
_entity.type
_entity.pdbx_description
1 polymer 'Cytochrome P450'
2 non-polymer 'PROTOPORPHYRIN IX CONTAINING FE'
3 non-polymer '4-(methylamino)benzoic acid'
4 non-polymer 'CHLORIDE ION'
5 water water
#
_entity_poly.entity_id   1
_entity_poly.type   'polypeptide(L)'
_entity_poly.pdbx_seq_one_letter_code
;TIPHLAIDPFSLDFFDDPYPDQQTLRDAGPVVYLDKWNVYGVARYAEVHAVLNDPTTFCSSRGVGLSDFKKEKPWRPPSL
ILEADPPAHTRPRAVLSKVLSPATMKTIRDGFAAAADAKVDELLQRGCIDAIADLAEAYPLSVFPDAMGLKQEGREHLLP
YAGLVFNAFGPPNELRQTAIERSAPHQAYVNEQCQRPNLAPGGFGACIHAFTDTGEITPDEAPLLVRSLLSAGLDTTVNG
IGAAVYCLARFPGELQRLRSDPTLARNAFEEAVRFESPVQTFFRTTTREVELGGAVIGEGEKVLMFLGSANRDPRRWSDP
DLYDITRKTSGHVGFGSGVHMCVGQLVARLEGEVMLSALARKVAAIDIDGPVKRRFNNTLRGLESLPVKLTPA
;
_entity_poly.pdbx_strand_id   A
#
# COMPACT_ATOMS: atom_id res chain seq x y z
N THR A 1 2.88 -13.19 -30.91
CA THR A 1 3.65 -13.88 -29.88
C THR A 1 3.07 -13.59 -28.49
N ILE A 2 2.54 -12.38 -28.32
CA ILE A 2 1.95 -11.98 -27.05
C ILE A 2 0.44 -12.21 -27.05
N PRO A 3 -0.07 -12.88 -25.99
CA PRO A 3 -1.52 -13.05 -25.90
C PRO A 3 -2.24 -11.74 -25.61
N HIS A 4 -3.35 -11.52 -26.29
CA HIS A 4 -4.21 -10.38 -26.01
C HIS A 4 -5.39 -10.83 -25.16
N LEU A 5 -5.58 -10.15 -24.03
CA LEU A 5 -6.71 -10.46 -23.15
C LEU A 5 -7.64 -9.26 -22.98
N ALA A 6 -8.92 -9.56 -22.80
CA ALA A 6 -9.96 -8.55 -22.61
C ALA A 6 -10.30 -8.33 -21.14
N ILE A 7 -9.61 -9.05 -20.25
CA ILE A 7 -9.76 -8.86 -18.81
C ILE A 7 -9.50 -7.40 -18.45
N ASP A 8 -10.44 -6.82 -17.70
CA ASP A 8 -10.28 -5.49 -17.14
C ASP A 8 -9.85 -5.59 -15.67
N PRO A 9 -8.56 -5.38 -15.38
CA PRO A 9 -8.12 -5.55 -13.99
C PRO A 9 -8.57 -4.41 -13.08
N PHE A 10 -9.30 -3.45 -13.64
CA PHE A 10 -9.86 -2.35 -12.86
C PHE A 10 -11.39 -2.35 -12.85
N SER A 11 -11.97 -3.48 -13.24
CA SER A 11 -13.42 -3.64 -13.17
C SER A 11 -13.86 -4.11 -11.79
N LEU A 12 -15.09 -3.79 -11.42
CA LEU A 12 -15.63 -4.20 -10.13
C LEU A 12 -15.66 -5.72 -10.04
N ASP A 13 -16.01 -6.35 -11.15
CA ASP A 13 -16.10 -7.80 -11.21
C ASP A 13 -14.74 -8.43 -10.92
N PHE A 14 -13.68 -7.76 -11.36
CA PHE A 14 -12.32 -8.22 -11.09
C PHE A 14 -11.97 -8.06 -9.61
N PHE A 15 -12.23 -6.88 -9.05
CA PHE A 15 -11.93 -6.62 -7.65
C PHE A 15 -12.63 -7.59 -6.71
N ASP A 16 -13.88 -7.93 -7.04
CA ASP A 16 -14.68 -8.82 -6.22
C ASP A 16 -14.01 -10.18 -6.04
N ASP A 17 -13.30 -10.62 -7.06
CA ASP A 17 -12.58 -11.89 -7.02
C ASP A 17 -11.56 -11.94 -8.14
N PRO A 18 -10.34 -11.43 -7.87
CA PRO A 18 -9.31 -11.31 -8.90
C PRO A 18 -8.52 -12.57 -9.21
N TYR A 19 -8.63 -13.62 -8.41
CA TYR A 19 -7.62 -14.69 -8.42
C TYR A 19 -7.70 -15.60 -9.64
N PRO A 20 -8.92 -15.94 -10.08
CA PRO A 20 -8.97 -16.76 -11.30
C PRO A 20 -8.41 -16.00 -12.50
N ASP A 21 -8.78 -14.72 -12.60
CA ASP A 21 -8.27 -13.88 -13.68
C ASP A 21 -6.76 -13.72 -13.57
N GLN A 22 -6.26 -13.62 -12.35
CA GLN A 22 -4.82 -13.55 -12.14
C GLN A 22 -4.10 -14.85 -12.55
N GLN A 23 -4.73 -15.99 -12.30
CA GLN A 23 -4.18 -17.24 -12.82
C GLN A 23 -4.18 -17.24 -14.34
N THR A 24 -5.29 -16.85 -14.94
CA THR A 24 -5.37 -16.75 -16.39
C THR A 24 -4.24 -15.84 -16.91
N LEU A 25 -4.02 -14.72 -16.24
CA LEU A 25 -2.96 -13.78 -16.62
C LEU A 25 -1.57 -14.40 -16.45
N ARG A 26 -1.36 -15.16 -15.39
CA ARG A 26 -0.06 -15.80 -15.20
C ARG A 26 0.13 -16.89 -16.25
N ASP A 27 -0.90 -17.67 -16.50
CA ASP A 27 -0.74 -18.87 -17.30
C ASP A 27 -0.83 -18.54 -18.79
N ALA A 28 -1.35 -17.36 -19.12
CA ALA A 28 -1.40 -16.94 -20.51
C ALA A 28 0.01 -16.72 -21.08
N GLY A 29 0.94 -16.30 -20.24
CA GLY A 29 2.31 -16.07 -20.66
C GLY A 29 3.05 -15.10 -19.75
N PRO A 30 4.36 -14.96 -19.94
CA PRO A 30 5.15 -14.04 -19.12
C PRO A 30 4.79 -12.57 -19.36
N VAL A 31 4.26 -12.27 -20.54
CA VAL A 31 3.81 -10.94 -20.88
C VAL A 31 2.50 -11.03 -21.63
N VAL A 32 1.51 -10.26 -21.18
CA VAL A 32 0.23 -10.20 -21.88
C VAL A 32 -0.04 -8.79 -22.36
N TYR A 33 -0.95 -8.64 -23.33
CA TYR A 33 -1.45 -7.33 -23.70
C TYR A 33 -2.92 -7.21 -23.32
N LEU A 34 -3.25 -6.18 -22.56
CA LEU A 34 -4.63 -5.94 -22.14
C LEU A 34 -5.29 -4.92 -23.06
N ASP A 35 -6.04 -5.41 -24.03
CA ASP A 35 -6.69 -4.59 -25.05
C ASP A 35 -7.67 -3.56 -24.47
N LYS A 36 -8.12 -3.87 -23.29
CA LYS A 36 -9.05 -3.02 -22.61
C LYS A 36 -8.54 -1.64 -22.39
N TRP A 37 -7.25 -1.56 -22.13
CA TRP A 37 -6.60 -0.30 -21.77
C TRP A 37 -5.35 -0.03 -22.61
N ASN A 38 -5.07 -0.91 -23.57
CA ASN A 38 -3.88 -0.75 -24.42
C ASN A 38 -2.64 -0.63 -23.55
N VAL A 39 -2.45 -1.63 -22.68
CA VAL A 39 -1.25 -1.73 -21.86
C VAL A 39 -0.70 -3.14 -21.87
N TYR A 40 0.60 -3.26 -21.66
CA TYR A 40 1.21 -4.55 -21.39
C TYR A 40 0.92 -4.94 -19.95
N GLY A 41 0.87 -6.24 -19.67
CA GLY A 41 0.72 -6.71 -18.29
C GLY A 41 1.66 -7.84 -17.95
N VAL A 42 2.11 -7.82 -16.69
CA VAL A 42 2.91 -8.89 -16.13
C VAL A 42 2.34 -9.36 -14.79
N ALA A 43 2.10 -10.66 -14.68
CA ALA A 43 1.41 -11.22 -13.52
C ALA A 43 2.22 -12.30 -12.79
N ARG A 44 3.31 -12.77 -13.40
CA ARG A 44 4.17 -13.74 -12.73
C ARG A 44 5.20 -13.05 -11.85
N TYR A 45 5.66 -13.76 -10.82
CA TYR A 45 6.64 -13.22 -9.88
C TYR A 45 7.91 -12.75 -10.58
N ALA A 46 8.48 -13.61 -11.42
CA ALA A 46 9.76 -13.35 -12.06
C ALA A 46 9.77 -12.04 -12.84
N GLU A 47 8.80 -11.87 -13.72
CA GLU A 47 8.77 -10.70 -14.59
C GLU A 47 8.43 -9.43 -13.82
N VAL A 48 7.54 -9.54 -12.83
CA VAL A 48 7.19 -8.40 -12.00
C VAL A 48 8.45 -7.95 -11.26
N HIS A 49 9.15 -8.93 -10.71
CA HIS A 49 10.39 -8.66 -9.98
C HIS A 49 11.42 -8.06 -10.91
N ALA A 50 11.49 -8.57 -12.13
CA ALA A 50 12.47 -8.08 -13.09
C ALA A 50 12.18 -6.63 -13.41
N VAL A 51 10.90 -6.33 -13.63
CA VAL A 51 10.50 -4.97 -14.00
C VAL A 51 10.78 -3.99 -12.89
N LEU A 52 10.40 -4.33 -11.66
CA LEU A 52 10.69 -3.46 -10.51
C LEU A 52 12.17 -3.09 -10.37
N ASN A 53 13.07 -4.01 -10.72
CA ASN A 53 14.49 -3.81 -10.48
C ASN A 53 15.24 -3.31 -11.73
N ASP A 54 14.49 -2.83 -12.70
CA ASP A 54 15.05 -2.28 -13.94
C ASP A 54 14.46 -0.89 -14.15
N PRO A 55 14.78 0.05 -13.25
CA PRO A 55 14.11 1.37 -13.26
C PRO A 55 14.55 2.24 -14.43
N THR A 56 15.73 1.95 -14.97
CA THR A 56 16.26 2.72 -16.09
C THR A 56 15.54 2.41 -17.40
N THR A 57 14.97 1.21 -17.49
CA THR A 57 14.20 0.81 -18.66
C THR A 57 12.72 0.97 -18.40
N PHE A 58 12.30 0.57 -17.20
CA PHE A 58 10.91 0.62 -16.78
C PHE A 58 10.77 1.78 -15.80
N CYS A 59 10.54 2.97 -16.32
CA CYS A 59 10.67 4.19 -15.53
C CYS A 59 9.38 4.55 -14.78
N SER A 60 9.55 5.40 -13.78
CA SER A 60 8.45 5.91 -12.96
C SER A 60 8.09 7.36 -13.25
N SER A 61 8.97 8.07 -13.97
CA SER A 61 8.79 9.51 -14.14
C SER A 61 7.71 9.89 -15.15
N ARG A 62 7.22 8.90 -15.89
CA ARG A 62 6.09 9.11 -16.78
C ARG A 62 4.81 8.62 -16.10
N GLY A 63 4.87 8.47 -14.78
CA GLY A 63 3.72 8.06 -13.99
C GLY A 63 3.74 6.57 -13.68
N VAL A 64 3.23 6.21 -12.51
CA VAL A 64 3.13 4.81 -12.13
C VAL A 64 1.67 4.39 -12.15
N GLY A 65 0.83 5.25 -12.73
CA GLY A 65 -0.53 4.92 -13.10
C GLY A 65 -0.61 4.69 -14.59
N LEU A 66 -1.84 4.57 -15.10
CA LEU A 66 -2.04 4.33 -16.53
C LEU A 66 -1.62 5.56 -17.31
N SER A 67 -1.91 6.73 -16.77
CA SER A 67 -1.63 7.98 -17.47
C SER A 67 -0.15 8.19 -17.69
N ASP A 68 0.19 8.62 -18.90
CA ASP A 68 1.58 8.91 -19.26
C ASP A 68 1.79 10.41 -19.11
N PHE A 69 2.63 10.81 -18.16
CA PHE A 69 2.84 12.22 -17.87
C PHE A 69 3.46 12.93 -19.07
N LYS A 70 4.03 12.15 -19.98
CA LYS A 70 4.56 12.65 -21.24
C LYS A 70 3.45 12.97 -22.22
N LYS A 71 2.25 12.44 -21.97
CA LYS A 71 1.13 12.57 -22.89
C LYS A 71 0.00 13.43 -22.33
N GLU A 72 -0.19 13.34 -21.02
CA GLU A 72 -1.27 14.04 -20.33
C GLU A 72 -0.76 14.81 -19.12
N LYS A 73 -1.56 15.76 -18.64
CA LYS A 73 -1.20 16.53 -17.45
C LYS A 73 -1.38 15.66 -16.22
N PRO A 74 -0.39 15.64 -15.31
CA PRO A 74 -0.70 14.90 -14.09
C PRO A 74 -1.80 15.62 -13.31
N TRP A 75 -2.62 14.84 -12.59
CA TRP A 75 -3.77 15.39 -11.87
C TRP A 75 -3.38 16.27 -10.70
N ARG A 76 -2.14 16.11 -10.24
CA ARG A 76 -1.56 16.92 -9.17
C ARG A 76 -0.09 17.03 -9.49
N PRO A 77 0.61 18.03 -8.93
CA PRO A 77 2.06 18.07 -9.21
C PRO A 77 2.70 16.71 -8.89
N PRO A 78 3.62 16.22 -9.75
CA PRO A 78 4.20 14.88 -9.56
C PRO A 78 4.91 14.70 -8.22
N SER A 79 4.77 13.52 -7.63
CA SER A 79 5.58 13.17 -6.45
C SER A 79 7.05 13.23 -6.82
N LEU A 80 7.83 13.85 -5.94
CA LEU A 80 9.28 13.96 -6.13
C LEU A 80 10.03 12.66 -5.90
N ILE A 81 9.35 11.64 -5.38
CA ILE A 81 10.00 10.35 -5.14
C ILE A 81 9.32 9.22 -5.93
N LEU A 82 8.01 9.03 -5.74
CA LEU A 82 7.30 7.93 -6.41
C LEU A 82 7.34 8.04 -7.92
N GLU A 83 7.24 9.26 -8.43
CA GLU A 83 7.04 9.51 -9.84
C GLU A 83 8.28 10.19 -10.39
N ALA A 84 9.42 9.76 -9.88
CA ALA A 84 10.73 10.24 -10.30
C ALA A 84 11.65 9.06 -10.51
N ASP A 85 12.64 9.22 -11.39
CA ASP A 85 13.65 8.19 -11.59
C ASP A 85 14.97 8.65 -11.01
N PRO A 86 15.87 7.70 -10.70
CA PRO A 86 17.23 8.13 -10.38
C PRO A 86 17.85 8.83 -11.59
N PRO A 87 18.67 9.87 -11.37
CA PRO A 87 19.17 10.33 -10.08
C PRO A 87 18.25 11.31 -9.34
N ALA A 88 17.27 11.92 -10.00
CA ALA A 88 16.42 12.90 -9.33
C ALA A 88 15.75 12.25 -8.12
N HIS A 89 15.49 10.96 -8.25
CA HIS A 89 14.85 10.16 -7.20
C HIS A 89 15.69 9.93 -5.95
N THR A 90 17.00 9.88 -6.15
CA THR A 90 17.91 9.28 -5.17
C THR A 90 17.95 10.01 -3.84
N ARG A 91 18.14 11.31 -3.93
CA ARG A 91 18.37 12.16 -2.77
C ARG A 91 17.12 12.49 -1.91
N PRO A 92 15.95 12.72 -2.51
CA PRO A 92 14.69 12.82 -1.76
C PRO A 92 14.37 11.54 -0.98
N ARG A 93 14.69 10.43 -1.63
CA ARG A 93 14.52 9.10 -1.06
C ARG A 93 15.36 8.95 0.19
N ALA A 94 16.61 9.42 0.14
CA ALA A 94 17.50 9.33 1.28
C ALA A 94 16.91 10.07 2.47
N VAL A 95 16.38 11.26 2.19
CA VAL A 95 15.72 12.07 3.20
C VAL A 95 14.58 11.27 3.80
N LEU A 96 13.72 10.70 2.97
CA LEU A 96 12.61 9.93 3.54
C LEU A 96 13.11 8.68 4.27
N SER A 97 14.18 8.06 3.79
CA SER A 97 14.77 6.92 4.51
C SER A 97 15.20 7.29 5.92
N LYS A 98 15.82 8.47 6.05
CA LYS A 98 16.25 8.96 7.35
C LYS A 98 15.11 9.49 8.23
N VAL A 99 14.12 10.15 7.63
CA VAL A 99 13.00 10.65 8.43
C VAL A 99 12.24 9.46 9.03
N LEU A 100 12.14 8.38 8.25
CA LEU A 100 11.40 7.17 8.62
C LEU A 100 12.38 6.03 8.91
N SER A 101 13.45 6.37 9.62
CA SER A 101 14.60 5.49 9.79
C SER A 101 14.47 4.47 10.92
N PRO A 102 15.35 3.47 10.92
CA PRO A 102 15.47 2.53 12.03
C PRO A 102 15.51 3.30 13.34
N ALA A 103 16.35 4.33 13.38
CA ALA A 103 16.43 5.21 14.55
C ALA A 103 15.10 5.86 14.97
N THR A 104 14.31 6.32 14.00
CA THR A 104 13.01 6.92 14.30
C THR A 104 11.95 6.03 14.96
N MET A 105 11.94 4.74 14.61
CA MET A 105 10.94 3.81 15.11
C MET A 105 11.03 3.64 16.64
N LYS A 106 12.26 3.77 17.13
CA LYS A 106 12.58 3.72 18.55
C LYS A 106 11.80 4.78 19.29
N THR A 107 11.63 5.92 18.64
CA THR A 107 10.99 7.06 19.29
C THR A 107 9.48 6.89 19.38
N ILE A 108 8.90 6.06 18.50
CA ILE A 108 7.45 5.92 18.42
C ILE A 108 6.90 4.56 18.84
N ARG A 109 7.79 3.58 19.03
CA ARG A 109 7.31 2.22 19.28
C ARG A 109 6.42 2.11 20.52
N ASP A 110 6.83 2.73 21.62
CA ASP A 110 6.10 2.57 22.88
C ASP A 110 4.68 3.12 22.72
N GLY A 111 4.57 4.29 22.11
CA GLY A 111 3.28 4.91 21.88
C GLY A 111 2.42 4.14 20.90
N PHE A 112 3.04 3.61 19.85
CA PHE A 112 2.28 2.85 18.85
C PHE A 112 1.75 1.55 19.47
N ALA A 113 2.61 0.90 20.26
CA ALA A 113 2.23 -0.32 20.94
C ALA A 113 1.15 -0.05 21.98
N ALA A 114 1.35 0.98 22.78
CA ALA A 114 0.37 1.37 23.78
C ALA A 114 -0.98 1.69 23.13
N ALA A 115 -0.93 2.39 22.01
CA ALA A 115 -2.16 2.74 21.29
C ALA A 115 -2.84 1.48 20.75
N ALA A 116 -2.05 0.53 20.29
CA ALA A 116 -2.62 -0.73 19.82
C ALA A 116 -3.31 -1.49 20.97
N ASP A 117 -2.59 -1.62 22.08
CA ASP A 117 -3.09 -2.33 23.26
C ASP A 117 -4.38 -1.72 23.79
N ALA A 118 -4.37 -0.41 23.95
CA ALA A 118 -5.53 0.29 24.49
C ALA A 118 -6.73 0.05 23.57
N LYS A 119 -6.50 0.10 22.26
CA LYS A 119 -7.58 -0.10 21.30
C LYS A 119 -8.14 -1.51 21.40
N VAL A 120 -7.27 -2.52 21.50
CA VAL A 120 -7.76 -3.89 21.58
C VAL A 120 -8.57 -4.08 22.86
N ASP A 121 -8.06 -3.52 23.96
CA ASP A 121 -8.78 -3.59 25.22
C ASP A 121 -10.13 -2.88 25.09
N GLU A 122 -10.12 -1.74 24.40
CA GLU A 122 -11.35 -0.98 24.17
C GLU A 122 -12.37 -1.79 23.37
N LEU A 123 -11.89 -2.45 22.32
CA LEU A 123 -12.77 -3.20 21.44
C LEU A 123 -13.30 -4.45 22.14
N LEU A 124 -12.52 -5.02 23.05
CA LEU A 124 -12.96 -6.18 23.80
C LEU A 124 -14.14 -5.84 24.72
N GLN A 125 -14.23 -4.57 25.13
CA GLN A 125 -15.37 -4.14 25.95
C GLN A 125 -16.67 -4.11 25.15
N ARG A 126 -16.58 -3.84 23.85
CA ARG A 126 -17.78 -3.79 23.02
C ARG A 126 -18.17 -5.20 22.59
N GLY A 127 -17.16 -6.05 22.36
CA GLY A 127 -17.41 -7.42 21.97
C GLY A 127 -17.66 -7.58 20.49
N CYS A 128 -18.72 -6.95 19.98
CA CYS A 128 -19.05 -7.04 18.57
C CYS A 128 -18.75 -5.72 17.90
N ILE A 129 -17.79 -5.75 16.99
CA ILE A 129 -17.22 -4.55 16.40
C ILE A 129 -17.05 -4.72 14.90
N ASP A 130 -16.75 -3.61 14.22
CA ASP A 130 -16.38 -3.64 12.81
C ASP A 130 -14.86 -3.55 12.76
N ALA A 131 -14.23 -4.64 12.31
CA ALA A 131 -12.77 -4.73 12.29
C ALA A 131 -12.15 -3.74 11.33
N ILE A 132 -12.96 -3.10 10.50
CA ILE A 132 -12.49 -2.01 9.66
C ILE A 132 -12.59 -0.68 10.40
N ALA A 133 -13.80 -0.14 10.49
CA ALA A 133 -14.02 1.16 11.13
C ALA A 133 -13.44 1.27 12.54
N ASP A 134 -13.63 0.23 13.34
CA ASP A 134 -13.30 0.29 14.77
C ASP A 134 -11.86 -0.12 15.09
N LEU A 135 -11.15 -0.63 14.09
CA LEU A 135 -9.82 -1.19 14.31
C LEU A 135 -8.86 -0.82 13.19
N ALA A 136 -9.12 -1.32 12.00
CA ALA A 136 -8.23 -1.08 10.86
C ALA A 136 -8.12 0.41 10.52
N GLU A 137 -9.22 1.16 10.68
CA GLU A 137 -9.17 2.59 10.47
C GLU A 137 -8.83 3.37 11.74
N ALA A 138 -9.49 3.02 12.85
CA ALA A 138 -9.34 3.77 14.09
C ALA A 138 -7.92 3.80 14.63
N TYR A 139 -7.22 2.67 14.56
CA TYR A 139 -5.89 2.59 15.17
C TYR A 139 -4.87 3.41 14.40
N PRO A 140 -4.76 3.23 13.07
CA PRO A 140 -3.80 4.05 12.35
C PRO A 140 -4.06 5.55 12.47
N LEU A 141 -5.34 5.95 12.45
CA LEU A 141 -5.71 7.36 12.67
C LEU A 141 -5.28 7.88 14.04
N SER A 142 -5.23 6.99 15.02
CA SER A 142 -4.90 7.38 16.38
C SER A 142 -3.39 7.57 16.60
N VAL A 143 -2.57 7.04 15.70
CA VAL A 143 -1.12 7.17 15.85
C VAL A 143 -0.42 7.88 14.71
N PHE A 144 -0.87 7.68 13.47
CA PHE A 144 -0.08 8.12 12.31
C PHE A 144 -0.20 9.62 12.05
N PRO A 145 -1.42 10.18 12.11
CA PRO A 145 -1.57 11.62 11.96
C PRO A 145 -0.76 12.41 12.99
N ASP A 146 -0.75 11.91 14.21
CA ASP A 146 0.03 12.51 15.29
C ASP A 146 1.52 12.39 14.97
N ALA A 147 1.93 11.22 14.50
CA ALA A 147 3.33 10.98 14.18
C ALA A 147 3.78 11.90 13.05
N MET A 148 2.84 12.26 12.17
CA MET A 148 3.12 13.24 11.13
C MET A 148 3.28 14.62 11.75
N GLY A 149 2.67 14.82 12.91
CA GLY A 149 2.60 16.13 13.54
C GLY A 149 1.44 16.95 13.01
N LEU A 150 0.41 16.25 12.55
CA LEU A 150 -0.80 16.90 12.05
C LEU A 150 -1.66 17.47 13.16
N LYS A 151 -2.29 18.61 12.89
CA LYS A 151 -3.32 19.14 13.76
C LYS A 151 -4.52 18.20 13.80
N GLN A 152 -5.42 18.44 14.75
CA GLN A 152 -6.61 17.62 14.88
C GLN A 152 -7.59 17.96 13.76
N GLU A 153 -7.72 19.25 13.51
CA GLU A 153 -8.77 19.74 12.62
C GLU A 153 -8.48 19.33 11.18
N GLY A 154 -9.46 18.69 10.55
CA GLY A 154 -9.39 18.41 9.12
C GLY A 154 -8.97 17.00 8.76
N ARG A 155 -8.64 16.18 9.75
CA ARG A 155 -8.10 14.84 9.48
C ARG A 155 -9.09 13.94 8.74
N GLU A 156 -10.37 14.27 8.81
CA GLU A 156 -11.39 13.57 8.03
C GLU A 156 -11.15 13.64 6.53
N HIS A 157 -10.30 14.57 6.09
CA HIS A 157 -9.93 14.64 4.69
C HIS A 157 -8.83 13.64 4.32
N LEU A 158 -8.18 13.03 5.30
CA LEU A 158 -7.00 12.19 5.03
C LEU A 158 -7.31 10.91 4.27
N LEU A 159 -8.27 10.13 4.74
CA LEU A 159 -8.61 8.88 4.07
C LEU A 159 -9.25 9.14 2.72
N PRO A 160 -10.16 10.13 2.65
CA PRO A 160 -10.72 10.45 1.33
C PRO A 160 -9.62 10.82 0.35
N TYR A 161 -8.63 11.59 0.80
CA TYR A 161 -7.55 12.00 -0.09
C TYR A 161 -6.74 10.79 -0.55
N ALA A 162 -6.42 9.90 0.40
CA ALA A 162 -5.65 8.70 0.08
C ALA A 162 -6.43 7.83 -0.87
N GLY A 163 -7.73 7.74 -0.62
CA GLY A 163 -8.60 6.98 -1.46
C GLY A 163 -8.48 7.49 -2.89
N LEU A 164 -8.43 8.82 -3.03
CA LEU A 164 -8.31 9.44 -4.34
C LEU A 164 -7.02 9.11 -5.10
N VAL A 165 -5.90 9.28 -4.40
CA VAL A 165 -4.58 9.09 -4.98
C VAL A 165 -4.49 7.71 -5.61
N PHE A 166 -4.97 6.72 -4.89
CA PHE A 166 -4.81 5.36 -5.33
C PHE A 166 -5.84 5.09 -6.42
N ASN A 167 -7.00 5.75 -6.37
CA ASN A 167 -7.91 5.65 -7.51
C ASN A 167 -7.30 6.28 -8.77
N ALA A 168 -6.50 7.33 -8.58
CA ALA A 168 -6.00 8.11 -9.71
C ALA A 168 -4.88 7.42 -10.48
N PHE A 169 -4.27 6.40 -9.87
CA PHE A 169 -3.30 5.57 -10.60
C PHE A 169 -4.03 4.72 -11.65
N GLY A 170 -5.34 4.59 -11.48
CA GLY A 170 -6.13 3.73 -12.35
C GLY A 170 -6.41 4.33 -13.71
N PRO A 171 -7.16 3.59 -14.54
CA PRO A 171 -7.66 4.09 -15.82
C PRO A 171 -8.77 5.11 -15.66
N PRO A 172 -9.13 5.82 -16.74
CA PRO A 172 -10.18 6.82 -16.60
C PRO A 172 -11.57 6.17 -16.56
N ASN A 173 -11.75 5.32 -15.56
CA ASN A 173 -13.03 4.65 -15.30
C ASN A 173 -13.82 5.48 -14.32
N GLU A 174 -14.97 4.97 -13.90
CA GLU A 174 -15.85 5.72 -13.03
C GLU A 174 -15.20 5.98 -11.67
N LEU A 175 -14.48 5.01 -11.12
CA LEU A 175 -13.81 5.20 -9.84
C LEU A 175 -12.87 6.40 -9.86
N ARG A 176 -12.04 6.49 -10.90
CA ARG A 176 -11.08 7.58 -11.00
C ARG A 176 -11.75 8.91 -11.25
N GLN A 177 -12.66 8.93 -12.22
CA GLN A 177 -13.29 10.17 -12.63
C GLN A 177 -14.10 10.70 -11.46
N THR A 178 -14.77 9.76 -10.80
CA THR A 178 -15.61 10.06 -9.65
C THR A 178 -14.77 10.51 -8.46
N ALA A 179 -13.58 9.91 -8.35
CA ALA A 179 -12.69 10.23 -7.25
C ALA A 179 -12.11 11.62 -7.44
N ILE A 180 -11.70 11.92 -8.66
CA ILE A 180 -11.04 13.18 -8.96
C ILE A 180 -12.00 14.35 -9.01
N GLU A 181 -13.19 14.12 -9.55
CA GLU A 181 -14.16 15.20 -9.59
C GLU A 181 -14.56 15.73 -8.20
N ARG A 182 -14.06 15.12 -7.12
CA ARG A 182 -14.48 15.60 -5.80
C ARG A 182 -13.22 15.74 -4.96
N SER A 183 -12.07 15.99 -5.58
CA SER A 183 -10.86 16.24 -4.80
C SER A 183 -10.51 17.62 -4.24
N ALA A 184 -11.19 18.69 -4.64
CA ALA A 184 -10.76 20.02 -4.17
C ALA A 184 -10.55 20.20 -2.66
N PRO A 185 -11.51 19.75 -1.83
CA PRO A 185 -11.36 19.95 -0.38
C PRO A 185 -10.22 19.20 0.29
N HIS A 186 -10.03 17.99 -0.22
CA HIS A 186 -8.97 17.10 0.23
C HIS A 186 -7.61 17.64 -0.14
N GLN A 187 -7.49 18.07 -1.39
CA GLN A 187 -6.26 18.67 -1.86
C GLN A 187 -5.95 19.88 -1.03
N ALA A 188 -6.95 20.74 -0.82
CA ALA A 188 -6.68 21.98 -0.11
C ALA A 188 -6.23 21.71 1.32
N TYR A 189 -6.91 20.77 1.99
CA TYR A 189 -6.53 20.45 3.36
C TYR A 189 -5.12 19.90 3.44
N VAL A 190 -4.86 18.85 2.67
CA VAL A 190 -3.56 18.21 2.71
C VAL A 190 -2.48 19.19 2.32
N ASN A 191 -2.66 19.88 1.21
CA ASN A 191 -1.67 20.84 0.74
C ASN A 191 -1.39 21.94 1.77
N GLU A 192 -2.43 22.42 2.44
CA GLU A 192 -2.20 23.42 3.48
C GLU A 192 -1.37 22.80 4.61
N GLN A 193 -1.70 21.58 5.03
CA GLN A 193 -0.99 20.99 6.16
C GLN A 193 0.48 20.62 5.85
N CYS A 194 0.86 20.54 4.58
CA CYS A 194 2.25 20.26 4.23
C CYS A 194 3.19 21.44 4.49
N GLN A 195 2.61 22.62 4.72
CA GLN A 195 3.45 23.79 5.01
C GLN A 195 3.97 23.73 6.43
N ARG A 196 5.23 24.14 6.58
CA ARG A 196 6.00 23.96 7.81
C ARG A 196 5.31 24.50 9.06
N PRO A 197 4.71 25.70 8.98
CA PRO A 197 4.06 26.24 10.18
C PRO A 197 2.95 25.36 10.75
N ASN A 198 2.36 24.50 9.93
CA ASN A 198 1.22 23.69 10.35
C ASN A 198 1.60 22.32 10.92
N LEU A 199 2.90 22.05 11.01
CA LEU A 199 3.40 20.74 11.42
C LEU A 199 4.14 20.77 12.76
N ALA A 200 3.68 19.97 13.71
CA ALA A 200 4.23 20.00 15.06
C ALA A 200 5.70 19.54 15.07
N PRO A 201 6.59 20.29 15.74
CA PRO A 201 7.99 19.84 15.90
C PRO A 201 8.09 18.44 16.50
N GLY A 202 9.02 17.63 15.99
CA GLY A 202 9.17 16.25 16.43
C GLY A 202 8.50 15.24 15.53
N GLY A 203 7.59 15.70 14.68
CA GLY A 203 6.82 14.80 13.84
C GLY A 203 7.53 14.60 12.52
N PHE A 204 7.02 13.71 11.68
CA PHE A 204 7.69 13.38 10.43
C PHE A 204 7.78 14.60 9.50
N GLY A 205 6.73 15.40 9.47
CA GLY A 205 6.68 16.56 8.60
C GLY A 205 7.75 17.60 8.92
N ALA A 206 7.82 17.97 10.19
CA ALA A 206 8.81 18.92 10.64
C ALA A 206 10.20 18.36 10.41
N CYS A 207 10.33 17.05 10.59
CA CYS A 207 11.60 16.40 10.37
C CYS A 207 11.99 16.48 8.90
N ILE A 208 11.02 16.26 8.01
CA ILE A 208 11.24 16.45 6.59
C ILE A 208 11.72 17.87 6.30
N HIS A 209 11.02 18.86 6.85
CA HIS A 209 11.42 20.26 6.64
C HIS A 209 12.81 20.55 7.20
N ALA A 210 13.16 19.92 8.31
CA ALA A 210 14.48 20.11 8.92
C ALA A 210 15.65 19.70 8.01
N PHE A 211 15.40 18.72 7.13
CA PHE A 211 16.39 18.20 6.17
C PHE A 211 16.75 19.12 5.01
N THR A 212 16.03 20.22 4.83
CA THR A 212 16.35 21.17 3.78
C THR A 212 17.71 21.78 4.04
N ASP A 213 18.14 21.75 5.30
CA ASP A 213 19.46 22.22 5.64
C ASP A 213 20.61 21.39 5.02
N THR A 214 20.43 20.13 4.67
CA THR A 214 21.62 19.35 4.30
C THR A 214 22.06 19.50 2.86
N GLY A 215 21.21 20.13 2.05
CA GLY A 215 21.44 20.20 0.63
C GLY A 215 20.79 19.01 -0.04
N GLU A 216 20.20 18.11 0.74
CA GLU A 216 19.54 16.98 0.13
C GLU A 216 18.21 17.42 -0.48
N ILE A 217 17.47 18.28 0.20
CA ILE A 217 16.28 18.87 -0.41
C ILE A 217 16.23 20.37 -0.19
N THR A 218 15.62 21.09 -1.13
CA THR A 218 15.38 22.51 -0.94
C THR A 218 14.09 22.66 -0.12
N PRO A 219 13.83 23.85 0.44
CA PRO A 219 12.58 24.10 1.18
C PRO A 219 11.30 23.90 0.37
N ASP A 220 11.32 24.20 -0.92
CA ASP A 220 10.14 24.04 -1.76
C ASP A 220 9.86 22.59 -2.16
N GLU A 221 10.82 21.71 -1.92
CA GLU A 221 10.62 20.28 -2.12
C GLU A 221 9.98 19.60 -0.93
N ALA A 222 10.20 20.14 0.26
CA ALA A 222 9.75 19.50 1.49
C ALA A 222 8.24 19.25 1.58
N PRO A 223 7.41 20.24 1.21
CA PRO A 223 5.96 19.99 1.32
C PRO A 223 5.43 18.81 0.49
N LEU A 224 5.99 18.57 -0.70
CA LEU A 224 5.53 17.44 -1.51
C LEU A 224 5.96 16.12 -0.90
N LEU A 225 7.08 16.13 -0.18
CA LEU A 225 7.53 14.91 0.47
C LEU A 225 6.69 14.69 1.70
N VAL A 226 6.30 15.78 2.38
CA VAL A 226 5.30 15.66 3.42
C VAL A 226 4.02 15.10 2.80
N ARG A 227 3.67 15.63 1.63
CA ARG A 227 2.48 15.18 0.90
C ARG A 227 2.49 13.69 0.56
N SER A 228 3.66 13.18 0.21
CA SER A 228 3.83 11.76 -0.08
C SER A 228 3.40 10.89 1.10
N LEU A 229 3.79 11.29 2.30
CA LEU A 229 3.50 10.53 3.50
C LEU A 229 2.01 10.57 3.81
N LEU A 230 1.38 11.72 3.52
CA LEU A 230 -0.04 11.86 3.76
C LEU A 230 -0.85 11.15 2.67
N SER A 231 -0.19 10.86 1.55
CA SER A 231 -0.80 10.06 0.50
C SER A 231 -0.69 8.56 0.77
N ALA A 232 0.50 8.11 1.12
CA ALA A 232 0.80 6.69 1.14
C ALA A 232 0.74 6.07 2.54
N GLY A 233 0.87 6.91 3.57
CA GLY A 233 1.25 6.41 4.88
C GLY A 233 0.09 5.94 5.75
N LEU A 234 -1.14 6.23 5.34
CA LEU A 234 -2.31 5.90 6.15
C LEU A 234 -3.22 4.80 5.60
N ASP A 235 -3.75 4.99 4.39
CA ASP A 235 -4.74 4.06 3.84
C ASP A 235 -4.17 2.68 3.55
N THR A 236 -2.90 2.63 3.15
CA THR A 236 -2.17 1.38 3.00
C THR A 236 -2.17 0.52 4.26
N THR A 237 -1.83 1.16 5.38
CA THR A 237 -1.70 0.44 6.64
C THR A 237 -3.08 -0.01 7.12
N VAL A 238 -4.10 0.79 6.82
CA VAL A 238 -5.47 0.41 7.12
C VAL A 238 -5.79 -0.93 6.45
N ASN A 239 -5.52 -1.04 5.15
CA ASN A 239 -5.83 -2.26 4.42
C ASN A 239 -4.88 -3.41 4.73
N GLY A 240 -3.66 -3.09 5.15
CA GLY A 240 -2.74 -4.13 5.58
C GLY A 240 -3.20 -4.75 6.89
N ILE A 241 -3.52 -3.90 7.85
CA ILE A 241 -4.02 -4.37 9.13
C ILE A 241 -5.38 -5.05 8.96
N GLY A 242 -6.26 -4.44 8.16
CA GLY A 242 -7.55 -5.06 7.87
C GLY A 242 -7.37 -6.42 7.23
N ALA A 243 -6.40 -6.51 6.33
CA ALA A 243 -6.06 -7.77 5.67
C ALA A 243 -5.64 -8.78 6.71
N ALA A 244 -4.79 -8.33 7.64
CA ALA A 244 -4.25 -9.21 8.66
C ALA A 244 -5.36 -9.74 9.57
N VAL A 245 -6.26 -8.85 10.01
CA VAL A 245 -7.36 -9.27 10.87
C VAL A 245 -8.29 -10.22 10.12
N TYR A 246 -8.53 -9.93 8.84
CA TYR A 246 -9.37 -10.80 8.02
C TYR A 246 -8.74 -12.19 7.83
N CYS A 247 -7.44 -12.20 7.60
CA CYS A 247 -6.69 -13.44 7.50
C CYS A 247 -6.81 -14.23 8.80
N LEU A 248 -6.55 -13.56 9.92
CA LEU A 248 -6.62 -14.23 11.21
C LEU A 248 -8.05 -14.70 11.46
N ALA A 249 -9.02 -13.92 10.98
CA ALA A 249 -10.43 -14.31 11.08
C ALA A 249 -10.74 -15.54 10.23
N ARG A 250 -10.05 -15.69 9.11
CA ARG A 250 -10.35 -16.79 8.20
C ARG A 250 -9.50 -18.02 8.48
N PHE A 251 -8.35 -17.82 9.13
CA PHE A 251 -7.43 -18.91 9.43
C PHE A 251 -7.23 -19.00 10.95
N PRO A 252 -8.23 -19.55 11.66
CA PRO A 252 -8.18 -19.60 13.13
C PRO A 252 -6.98 -20.37 13.66
N GLY A 253 -6.54 -21.37 12.92
CA GLY A 253 -5.36 -22.13 13.26
C GLY A 253 -4.15 -21.23 13.37
N GLU A 254 -4.07 -20.29 12.44
CA GLU A 254 -2.96 -19.35 12.41
C GLU A 254 -3.12 -18.33 13.52
N LEU A 255 -4.36 -17.96 13.84
CA LEU A 255 -4.60 -17.14 15.02
C LEU A 255 -4.09 -17.86 16.26
N GLN A 256 -4.35 -19.16 16.32
CA GLN A 256 -3.98 -19.95 17.49
C GLN A 256 -2.46 -20.02 17.59
N ARG A 257 -1.80 -20.20 16.45
CA ARG A 257 -0.34 -20.22 16.46
C ARG A 257 0.20 -18.85 16.86
N LEU A 258 -0.41 -17.79 16.34
CA LEU A 258 -0.02 -16.45 16.73
C LEU A 258 -0.19 -16.24 18.24
N ARG A 259 -1.32 -16.68 18.78
CA ARG A 259 -1.51 -16.61 20.24
C ARG A 259 -0.42 -17.38 20.95
N SER A 260 -0.06 -18.54 20.41
CA SER A 260 0.87 -19.41 21.11
C SER A 260 2.31 -18.85 21.05
N ASP A 261 2.57 -17.97 20.08
CA ASP A 261 3.86 -17.30 19.98
C ASP A 261 3.70 -15.88 19.42
N PRO A 262 3.41 -14.91 20.30
CA PRO A 262 3.22 -13.52 19.84
C PRO A 262 4.42 -12.90 19.12
N THR A 263 5.61 -13.49 19.23
CA THR A 263 6.77 -12.94 18.53
C THR A 263 6.64 -13.21 17.03
N LEU A 264 5.63 -14.00 16.67
CA LEU A 264 5.25 -14.19 15.28
C LEU A 264 4.45 -12.98 14.78
N ALA A 265 4.26 -11.99 15.65
CA ALA A 265 3.43 -10.83 15.33
C ALA A 265 3.92 -10.13 14.07
N ARG A 266 5.21 -9.89 13.95
CA ARG A 266 5.75 -9.13 12.81
C ARG A 266 5.59 -9.83 11.44
N ASN A 267 5.86 -11.14 11.39
CA ASN A 267 5.72 -11.94 10.17
C ASN A 267 4.30 -12.31 9.71
N ALA A 268 3.37 -12.45 10.65
CA ALA A 268 1.97 -12.68 10.32
C ALA A 268 1.38 -11.48 9.55
N PHE A 269 1.85 -10.28 9.89
CA PHE A 269 1.48 -9.08 9.17
C PHE A 269 2.15 -9.07 7.82
N GLU A 270 3.42 -9.45 7.80
CA GLU A 270 4.17 -9.50 6.56
C GLU A 270 3.51 -10.48 5.60
N GLU A 271 3.08 -11.62 6.13
CA GLU A 271 2.43 -12.65 5.33
C GLU A 271 1.09 -12.14 4.81
N ALA A 272 0.40 -11.37 5.65
CA ALA A 272 -0.87 -10.75 5.27
C ALA A 272 -0.63 -9.76 4.14
N VAL A 273 0.47 -9.03 4.21
CA VAL A 273 0.81 -8.08 3.17
C VAL A 273 1.03 -8.82 1.85
N ARG A 274 1.74 -9.94 1.90
CA ARG A 274 1.91 -10.78 0.72
C ARG A 274 0.55 -11.30 0.24
N PHE A 275 -0.19 -11.87 1.18
CA PHE A 275 -1.40 -12.63 0.87
C PHE A 275 -2.51 -11.77 0.29
N GLU A 276 -2.71 -10.57 0.84
CA GLU A 276 -3.76 -9.69 0.35
C GLU A 276 -3.18 -8.61 -0.55
N SER A 277 -1.90 -8.25 -0.35
CA SER A 277 -1.29 -7.19 -1.15
C SER A 277 -2.15 -5.94 -1.27
N PRO A 278 -2.24 -5.16 -0.18
CA PRO A 278 -3.11 -3.99 -0.10
C PRO A 278 -2.90 -3.08 -1.31
N VAL A 279 -1.67 -2.98 -1.78
CA VAL A 279 -1.40 -2.30 -3.05
C VAL A 279 -1.29 -3.34 -4.15
N GLN A 280 -2.31 -3.41 -5.00
CA GLN A 280 -2.47 -4.51 -5.95
C GLN A 280 -1.61 -4.40 -7.19
N THR A 281 -1.43 -3.19 -7.70
CA THR A 281 -0.90 -2.98 -9.04
C THR A 281 -0.13 -1.68 -9.12
N PHE A 282 0.91 -1.68 -9.95
CA PHE A 282 1.48 -0.41 -10.44
C PHE A 282 1.91 -0.47 -11.88
N PHE A 283 2.04 0.68 -12.54
CA PHE A 283 2.61 0.69 -13.88
C PHE A 283 4.05 1.15 -13.91
N ARG A 284 4.73 0.80 -15.00
CA ARG A 284 5.96 1.46 -15.41
C ARG A 284 5.79 1.86 -16.87
N THR A 285 6.70 2.70 -17.35
CA THR A 285 6.75 3.05 -18.77
C THR A 285 8.10 2.67 -19.33
N THR A 286 8.10 1.96 -20.46
CA THR A 286 9.36 1.59 -21.09
C THR A 286 10.03 2.82 -21.68
N THR A 287 11.35 2.90 -21.49
CA THR A 287 12.14 4.00 -22.00
C THR A 287 12.78 3.64 -23.34
N ARG A 288 12.59 2.39 -23.75
CA ARG A 288 13.21 1.87 -24.96
C ARG A 288 12.48 0.59 -25.34
N GLU A 289 12.66 0.15 -26.57
CA GLU A 289 12.17 -1.14 -26.99
C GLU A 289 12.94 -2.15 -26.13
N VAL A 290 12.27 -3.21 -25.67
CA VAL A 290 12.88 -4.13 -24.69
C VAL A 290 12.30 -5.53 -24.79
N GLU A 291 13.16 -6.53 -24.67
CA GLU A 291 12.70 -7.91 -24.60
C GLU A 291 12.48 -8.32 -23.16
N LEU A 292 11.28 -8.83 -22.89
CA LEU A 292 10.92 -9.36 -21.59
C LEU A 292 10.09 -10.63 -21.82
N GLY A 293 10.48 -11.72 -21.17
CA GLY A 293 9.81 -12.99 -21.35
C GLY A 293 9.65 -13.33 -22.83
N GLY A 294 10.72 -13.15 -23.60
CA GLY A 294 10.71 -13.43 -25.03
C GLY A 294 9.77 -12.52 -25.82
N ALA A 295 9.21 -11.51 -25.17
CA ALA A 295 8.26 -10.59 -25.80
C ALA A 295 8.94 -9.24 -26.02
N VAL A 296 8.78 -8.65 -27.20
CA VAL A 296 9.41 -7.35 -27.49
C VAL A 296 8.44 -6.18 -27.33
N ILE A 297 8.64 -5.42 -26.27
CA ILE A 297 7.80 -4.28 -25.91
C ILE A 297 8.44 -3.00 -26.44
N GLY A 298 7.69 -2.17 -27.15
CA GLY A 298 8.23 -0.93 -27.70
C GLY A 298 8.54 0.13 -26.66
N GLU A 299 9.21 1.20 -27.10
CA GLU A 299 9.42 2.38 -26.26
C GLU A 299 8.12 3.08 -25.92
N GLY A 300 8.06 3.70 -24.75
CA GLY A 300 6.96 4.56 -24.38
C GLY A 300 5.67 3.79 -24.19
N GLU A 301 5.79 2.53 -23.77
CA GLU A 301 4.64 1.67 -23.58
C GLU A 301 4.38 1.51 -22.09
N LYS A 302 3.11 1.42 -21.70
CA LYS A 302 2.78 1.20 -20.31
C LYS A 302 2.82 -0.30 -20.01
N VAL A 303 3.44 -0.64 -18.89
CA VAL A 303 3.54 -2.01 -18.43
C VAL A 303 2.94 -2.09 -17.04
N LEU A 304 1.89 -2.89 -16.92
CA LEU A 304 1.16 -3.05 -15.67
C LEU A 304 1.71 -4.23 -14.88
N MET A 305 2.21 -3.95 -13.69
CA MET A 305 2.72 -4.97 -12.80
C MET A 305 1.64 -5.32 -11.80
N PHE A 306 1.33 -6.62 -11.77
CA PHE A 306 0.33 -7.16 -10.85
C PHE A 306 1.06 -7.66 -9.61
N LEU A 307 1.23 -6.79 -8.61
CA LEU A 307 1.99 -7.12 -7.41
C LEU A 307 1.33 -8.26 -6.63
N GLY A 308 0.01 -8.22 -6.54
CA GLY A 308 -0.73 -9.24 -5.83
C GLY A 308 -0.57 -10.60 -6.50
N SER A 309 -0.69 -10.62 -7.81
CA SER A 309 -0.44 -11.82 -8.61
C SER A 309 0.96 -12.38 -8.40
N ALA A 310 1.96 -11.50 -8.40
CA ALA A 310 3.35 -11.94 -8.23
C ALA A 310 3.47 -12.62 -6.86
N ASN A 311 2.71 -12.12 -5.91
CA ASN A 311 2.73 -12.60 -4.54
C ASN A 311 1.88 -13.86 -4.36
N ARG A 312 1.18 -14.26 -5.41
CA ARG A 312 0.42 -15.51 -5.37
C ARG A 312 0.88 -16.47 -6.45
N ASP A 313 2.00 -16.17 -7.09
CA ASP A 313 2.49 -17.02 -8.18
C ASP A 313 3.04 -18.35 -7.67
N PRO A 314 2.40 -19.49 -8.04
CA PRO A 314 2.89 -20.80 -7.59
C PRO A 314 4.26 -21.16 -8.15
N ARG A 315 4.69 -20.46 -9.20
CA ARG A 315 6.05 -20.62 -9.73
C ARG A 315 7.09 -20.22 -8.69
N ARG A 316 6.69 -19.34 -7.77
CA ARG A 316 7.61 -18.80 -6.78
C ARG A 316 7.25 -19.27 -5.37
N TRP A 317 5.95 -19.39 -5.11
CA TRP A 317 5.47 -19.71 -3.77
C TRP A 317 4.81 -21.10 -3.70
N SER A 318 5.17 -21.87 -2.68
CA SER A 318 4.43 -23.08 -2.37
C SER A 318 3.12 -22.73 -1.67
N ASP A 319 2.02 -23.32 -2.13
CA ASP A 319 0.69 -23.10 -1.57
C ASP A 319 0.37 -21.62 -1.36
N PRO A 320 0.44 -20.83 -2.44
CA PRO A 320 0.30 -19.37 -2.38
C PRO A 320 -1.04 -18.88 -1.83
N ASP A 321 -2.10 -19.69 -1.95
CA ASP A 321 -3.43 -19.23 -1.55
C ASP A 321 -3.73 -19.61 -0.13
N LEU A 322 -2.71 -19.95 0.55
CA LEU A 322 -2.82 -20.28 1.93
C LEU A 322 -2.06 -19.32 2.83
N TYR A 323 -2.70 -18.86 3.88
CA TYR A 323 -2.07 -17.93 4.83
C TYR A 323 -1.26 -18.66 5.90
N ASP A 324 0.06 -18.52 5.87
CA ASP A 324 0.96 -19.23 6.78
C ASP A 324 1.91 -18.24 7.45
N ILE A 325 1.69 -17.97 8.73
CA ILE A 325 2.44 -16.93 9.43
C ILE A 325 3.90 -17.28 9.73
N THR A 326 4.34 -18.51 9.48
CA THR A 326 5.75 -18.82 9.63
C THR A 326 6.45 -19.00 8.27
N ARG A 327 5.75 -18.62 7.20
CA ARG A 327 6.34 -18.60 5.86
C ARG A 327 7.55 -17.66 5.76
N LYS A 328 8.58 -18.05 5.01
CA LYS A 328 9.62 -17.09 4.63
C LYS A 328 9.07 -16.21 3.52
N THR A 329 8.65 -15.00 3.91
CA THR A 329 7.94 -14.08 3.03
C THR A 329 8.89 -13.19 2.26
N SER A 330 10.17 -13.26 2.60
CA SER A 330 11.16 -12.37 2.00
C SER A 330 11.15 -12.57 0.48
N GLY A 331 11.18 -11.45 -0.23
CA GLY A 331 11.11 -11.45 -1.68
C GLY A 331 9.72 -11.12 -2.20
N HIS A 332 8.71 -11.13 -1.33
CA HIS A 332 7.38 -10.71 -1.77
C HIS A 332 7.48 -9.25 -2.22
N VAL A 333 6.58 -8.84 -3.11
CA VAL A 333 6.60 -7.50 -3.69
C VAL A 333 5.44 -6.62 -3.23
N GLY A 334 4.84 -6.98 -2.11
CA GLY A 334 3.76 -6.19 -1.55
C GLY A 334 4.22 -4.79 -1.17
N PHE A 335 5.52 -4.62 -0.91
CA PHE A 335 6.10 -3.31 -0.69
C PHE A 335 6.93 -2.84 -1.88
N GLY A 336 6.80 -3.53 -3.01
CA GLY A 336 7.64 -3.24 -4.16
C GLY A 336 9.02 -3.86 -4.01
N SER A 337 9.96 -3.35 -4.79
CA SER A 337 11.30 -3.92 -4.85
C SER A 337 12.23 -2.98 -5.60
N GLY A 338 13.44 -2.83 -5.08
CA GLY A 338 14.46 -2.01 -5.72
C GLY A 338 14.40 -0.60 -5.17
N VAL A 339 14.70 0.38 -6.02
CA VAL A 339 14.97 1.73 -5.56
C VAL A 339 13.71 2.41 -5.01
N HIS A 340 12.52 2.00 -5.45
CA HIS A 340 11.28 2.60 -4.94
C HIS A 340 10.60 1.76 -3.88
N MET A 341 11.26 0.70 -3.41
CA MET A 341 10.63 -0.21 -2.46
C MET A 341 10.18 0.61 -1.26
N CYS A 342 8.97 0.33 -0.76
CA CYS A 342 8.31 1.17 0.25
C CYS A 342 9.24 1.79 1.29
N VAL A 343 9.37 3.11 1.24
CA VAL A 343 10.23 3.80 2.20
C VAL A 343 9.56 3.90 3.56
N GLY A 344 8.23 3.73 3.60
CA GLY A 344 7.51 3.67 4.86
C GLY A 344 7.26 2.27 5.41
N GLN A 345 8.01 1.27 4.94
CA GLN A 345 7.70 -0.11 5.30
C GLN A 345 7.89 -0.39 6.80
N LEU A 346 8.78 0.36 7.44
CA LEU A 346 9.05 0.15 8.86
C LEU A 346 7.92 0.66 9.73
N VAL A 347 7.29 1.75 9.30
CA VAL A 347 6.14 2.29 10.00
C VAL A 347 4.99 1.32 9.89
N ALA A 348 4.71 0.90 8.66
CA ALA A 348 3.67 -0.10 8.37
C ALA A 348 3.86 -1.37 9.18
N ARG A 349 5.07 -1.92 9.14
CA ARG A 349 5.33 -3.15 9.87
C ARG A 349 5.26 -2.94 11.37
N LEU A 350 5.67 -1.76 11.85
CA LEU A 350 5.58 -1.48 13.28
C LEU A 350 4.11 -1.46 13.72
N GLU A 351 3.31 -0.70 12.98
CA GLU A 351 1.88 -0.60 13.24
C GLU A 351 1.23 -1.98 13.21
N GLY A 352 1.52 -2.75 12.17
CA GLY A 352 0.92 -4.07 12.05
C GLY A 352 1.36 -5.01 13.15
N GLU A 353 2.66 -5.02 13.41
CA GLU A 353 3.25 -5.87 14.45
C GLU A 353 2.62 -5.60 15.81
N VAL A 354 2.56 -4.36 16.25
CA VAL A 354 2.16 -4.12 17.62
C VAL A 354 0.65 -4.37 17.80
N MET A 355 -0.10 -4.20 16.73
CA MET A 355 -1.53 -4.52 16.76
C MET A 355 -1.75 -6.02 16.79
N LEU A 356 -0.99 -6.75 15.98
CA LEU A 356 -1.17 -8.20 15.92
C LEU A 356 -0.66 -8.80 17.21
N SER A 357 0.37 -8.17 17.78
CA SER A 357 0.87 -8.53 19.10
C SER A 357 -0.22 -8.35 20.16
N ALA A 358 -0.87 -7.19 20.14
CA ALA A 358 -1.96 -6.93 21.09
C ALA A 358 -3.08 -7.96 20.95
N LEU A 359 -3.51 -8.19 19.72
CA LEU A 359 -4.52 -9.22 19.44
C LEU A 359 -4.04 -10.57 19.95
N ALA A 360 -2.78 -10.89 19.69
CA ALA A 360 -2.26 -12.20 20.04
C ALA A 360 -2.33 -12.39 21.55
N ARG A 361 -2.15 -11.31 22.29
CA ARG A 361 -2.03 -11.40 23.74
C ARG A 361 -3.37 -11.21 24.45
N LYS A 362 -4.32 -10.58 23.79
CA LYS A 362 -5.55 -10.18 24.46
C LYS A 362 -6.81 -10.85 23.93
N VAL A 363 -6.73 -11.47 22.75
CA VAL A 363 -7.92 -11.98 22.06
C VAL A 363 -7.79 -13.49 21.88
N ALA A 364 -8.87 -14.21 22.18
CA ALA A 364 -8.88 -15.67 22.03
C ALA A 364 -9.47 -16.12 20.70
N ALA A 365 -10.45 -15.38 20.19
CA ALA A 365 -11.12 -15.75 18.95
C ALA A 365 -11.60 -14.50 18.21
N ILE A 366 -11.61 -14.61 16.89
CA ILE A 366 -12.17 -13.57 16.01
C ILE A 366 -13.15 -14.23 15.05
N ASP A 367 -14.44 -13.99 15.25
CA ASP A 367 -15.49 -14.57 14.42
C ASP A 367 -16.28 -13.55 13.61
N ILE A 368 -16.33 -13.75 12.30
CA ILE A 368 -17.15 -12.91 11.44
C ILE A 368 -18.61 -13.10 11.84
N ASP A 369 -19.28 -11.98 12.09
CA ASP A 369 -20.63 -11.98 12.63
C ASP A 369 -21.51 -10.91 11.97
N GLY A 370 -21.29 -10.70 10.66
CA GLY A 370 -22.06 -9.74 9.91
C GLY A 370 -21.69 -9.75 8.44
N PRO A 371 -22.42 -8.97 7.62
CA PRO A 371 -22.13 -9.01 6.18
C PRO A 371 -20.76 -8.40 5.93
N VAL A 372 -19.91 -9.12 5.20
CA VAL A 372 -18.61 -8.59 4.84
C VAL A 372 -18.72 -7.78 3.56
N LYS A 373 -18.14 -6.57 3.56
CA LYS A 373 -18.18 -5.68 2.41
C LYS A 373 -16.79 -5.25 1.96
N ARG A 374 -16.59 -5.37 0.65
CA ARG A 374 -15.32 -5.05 0.04
C ARG A 374 -15.30 -3.58 -0.36
N ARG A 375 -14.14 -2.95 -0.22
CA ARG A 375 -13.94 -1.57 -0.64
C ARG A 375 -13.26 -1.54 -1.99
N PHE A 376 -13.85 -0.81 -2.94
CA PHE A 376 -13.31 -0.82 -4.29
C PHE A 376 -12.48 0.42 -4.57
N ASN A 377 -11.31 0.16 -5.14
CA ASN A 377 -10.31 1.17 -5.43
C ASN A 377 -9.47 0.62 -6.58
N ASN A 378 -9.10 1.46 -7.53
CA ASN A 378 -8.33 0.99 -8.67
C ASN A 378 -6.97 0.39 -8.32
N THR A 379 -6.43 0.75 -7.15
CA THR A 379 -5.11 0.27 -6.77
C THR A 379 -5.13 -0.46 -5.43
N LEU A 380 -5.98 -0.03 -4.51
CA LEU A 380 -5.99 -0.64 -3.18
C LEU A 380 -6.98 -1.79 -3.12
N ARG A 381 -6.55 -2.92 -2.56
CA ARG A 381 -7.47 -4.02 -2.28
C ARG A 381 -7.69 -4.07 -0.77
N GLY A 382 -8.96 -4.07 -0.36
CA GLY A 382 -9.28 -4.15 1.06
C GLY A 382 -10.77 -4.03 1.27
N LEU A 383 -11.18 -4.07 2.54
CA LEU A 383 -12.60 -4.13 2.86
C LEU A 383 -13.18 -2.81 3.33
N GLU A 384 -14.47 -2.66 3.05
CA GLU A 384 -15.22 -1.51 3.51
C GLU A 384 -15.73 -1.83 4.91
N SER A 385 -16.13 -3.09 5.10
CA SER A 385 -16.71 -3.52 6.37
C SER A 385 -16.46 -5.00 6.70
N LEU A 386 -16.05 -5.26 7.93
CA LEU A 386 -15.72 -6.61 8.39
C LEU A 386 -16.26 -6.79 9.81
N PRO A 387 -17.57 -7.07 9.93
CA PRO A 387 -18.12 -7.22 11.28
C PRO A 387 -17.61 -8.48 11.95
N VAL A 388 -16.98 -8.32 13.12
CA VAL A 388 -16.47 -9.44 13.88
C VAL A 388 -16.86 -9.39 15.35
N LYS A 389 -16.93 -10.57 15.96
CA LYS A 389 -17.01 -10.73 17.39
C LYS A 389 -15.62 -11.14 17.89
N LEU A 390 -15.12 -10.35 18.84
CA LEU A 390 -13.86 -10.63 19.53
C LEU A 390 -14.16 -11.36 20.84
N THR A 391 -13.58 -12.54 21.02
CA THR A 391 -13.67 -13.21 22.32
C THR A 391 -12.42 -12.91 23.13
N PRO A 392 -12.60 -12.38 24.35
CA PRO A 392 -11.39 -12.12 25.13
C PRO A 392 -10.66 -13.38 25.57
N ALA A 393 -9.34 -13.31 25.61
CA ALA A 393 -8.51 -14.35 26.20
C ALA A 393 -8.74 -14.48 27.70
#